data_6L7X
#
_entry.id   6L7X
#
_cell.length_a   114.673
_cell.length_b   114.673
_cell.length_c   56.666
_cell.angle_alpha   90.000
_cell.angle_beta   90.000
_cell.angle_gamma   120.000
#
_symmetry.space_group_name_H-M   'P 32 2 1'
#
loop_
_entity.id
_entity.type
_entity.pdbx_description
1 polymer 'mRNA_triPase domain-containing protein'
2 non-polymer 1,3-dimethyl-7-propyl-purine-2,6-dione
3 non-polymer 'SULFATE ION'
4 water water
#
_entity_poly.entity_id   1
_entity_poly.type   'polypeptide(L)'
_entity_poly.pdbx_seq_one_letter_code
;GPGSDAEQRAVAKALFDAVNKHLSNPFIEVEMRLGQFKVEEDANFTACVSTEDYERIKTYLMTEMENSSMTRSVTHDVSL
RGWRHTYATDENGNPTRCVSIVRKKRLFVKNIVVPLGAYNLRFAVSTETPGDLRFSGAGPRAGHTRLKDRLSITDGMFRY
DMTQVTEKGVLMHEVEIEGVFSSHEKQLTESWLEELLRRAMRLATLRTN
;
_entity_poly.pdbx_strand_id   A
#
# COMPACT_ATOMS: atom_id res chain seq x y z
N ASP A 5 -22.78 -0.05 8.89
CA ASP A 5 -23.35 0.54 7.69
C ASP A 5 -23.61 2.04 7.88
N ALA A 6 -24.46 2.36 8.85
CA ALA A 6 -24.69 3.76 9.17
C ALA A 6 -23.42 4.43 9.69
N GLU A 7 -22.69 3.76 10.59
CA GLU A 7 -21.40 4.31 11.03
C GLU A 7 -20.34 4.21 9.95
N GLN A 8 -20.42 3.22 9.06
CA GLN A 8 -19.43 3.22 8.00
C GLN A 8 -19.59 4.44 7.11
N ARG A 9 -20.83 4.89 6.89
CA ARG A 9 -21.03 6.11 6.10
C ARG A 9 -20.45 7.33 6.81
N ALA A 10 -20.48 7.35 8.14
CA ALA A 10 -19.97 8.51 8.88
C ALA A 10 -18.45 8.63 8.76
N VAL A 11 -17.74 7.51 8.91
CA VAL A 11 -16.29 7.56 8.81
C VAL A 11 -15.86 7.84 7.37
N ALA A 12 -16.63 7.36 6.39
CA ALA A 12 -16.32 7.70 5.00
C ALA A 12 -16.44 9.20 4.75
N LYS A 13 -17.43 9.83 5.37
CA LYS A 13 -17.56 11.28 5.25
C LYS A 13 -16.45 12.00 5.99
N ALA A 14 -16.10 11.51 7.19
CA ALA A 14 -15.01 12.12 7.94
C ALA A 14 -13.69 12.03 7.19
N LEU A 15 -13.44 10.90 6.55
CA LEU A 15 -12.23 10.77 5.73
C LEU A 15 -12.25 11.76 4.57
N PHE A 16 -13.39 11.85 3.87
CA PHE A 16 -13.46 12.72 2.69
C PHE A 16 -13.30 14.18 3.06
N ASP A 17 -13.87 14.60 4.19
CA ASP A 17 -13.74 15.99 4.60
C ASP A 17 -12.31 16.34 4.96
N ALA A 18 -11.52 15.36 5.40
CA ALA A 18 -10.12 15.63 5.73
C ALA A 18 -9.23 15.58 4.49
N VAL A 19 -9.54 14.69 3.54
CA VAL A 19 -8.70 14.54 2.36
C VAL A 19 -9.08 15.53 1.24
N ASN A 20 -10.27 16.11 1.30
CA ASN A 20 -10.79 16.87 0.16
C ASN A 20 -9.84 17.98 -0.29
N LYS A 21 -9.24 18.69 0.67
CA LYS A 21 -8.40 19.84 0.31
C LYS A 21 -7.11 19.45 -0.41
N HIS A 22 -6.76 18.16 -0.44
CA HIS A 22 -5.49 17.73 -1.00
C HIS A 22 -5.60 17.18 -2.41
N LEU A 23 -6.81 16.95 -2.92
CA LEU A 23 -6.96 16.26 -4.20
C LEU A 23 -6.46 17.09 -5.38
N SER A 24 -6.26 18.39 -5.20
CA SER A 24 -5.69 19.22 -6.26
C SER A 24 -4.19 19.04 -6.41
N ASN A 25 -3.54 18.35 -5.47
CA ASN A 25 -2.11 18.11 -5.58
C ASN A 25 -1.84 17.06 -6.64
N PRO A 26 -0.90 17.28 -7.55
CA PRO A 26 -0.46 16.20 -8.44
C PRO A 26 0.24 15.10 -7.66
N PHE A 27 0.25 13.92 -8.26
CA PHE A 27 0.94 12.75 -7.71
C PHE A 27 0.45 12.40 -6.31
N ILE A 28 -0.85 12.48 -6.08
CA ILE A 28 -1.41 12.09 -4.79
C ILE A 28 -1.71 10.60 -4.80
N GLU A 29 -1.50 9.96 -3.66
CA GLU A 29 -1.73 8.54 -3.49
C GLU A 29 -2.61 8.32 -2.27
N VAL A 30 -3.49 7.34 -2.36
CA VAL A 30 -4.38 6.98 -1.25
C VAL A 30 -4.28 5.48 -1.05
N GLU A 31 -4.16 5.07 0.22
CA GLU A 31 -3.93 3.67 0.55
C GLU A 31 -4.63 3.32 1.85
N MET A 32 -5.00 2.05 1.96
CA MET A 32 -5.50 1.47 3.20
C MET A 32 -4.64 0.26 3.51
N ARG A 33 -3.95 0.28 4.64
CA ARG A 33 -2.98 -0.75 5.00
C ARG A 33 -3.52 -1.59 6.14
N LEU A 34 -3.42 -2.91 6.00
CA LEU A 34 -3.61 -3.80 7.12
C LEU A 34 -2.35 -3.81 7.98
N GLY A 35 -2.53 -4.05 9.27
CA GLY A 35 -1.40 -4.06 10.17
C GLY A 35 -1.83 -4.25 11.61
N GLN A 36 -0.92 -3.96 12.52
CA GLN A 36 -1.17 -4.15 13.93
C GLN A 36 -0.22 -3.27 14.74
N PHE A 37 -0.67 -2.88 15.93
CA PHE A 37 0.14 -2.08 16.83
C PHE A 37 0.93 -2.97 17.78
N LYS A 38 2.13 -2.51 18.15
CA LYS A 38 2.96 -3.14 19.18
C LYS A 38 3.28 -4.59 18.83
N VAL A 39 3.71 -4.82 17.58
CA VAL A 39 4.18 -6.12 17.16
C VAL A 39 5.68 -6.15 16.90
N GLU A 40 6.34 -4.99 16.90
CA GLU A 40 7.80 -4.93 16.95
C GLU A 40 8.17 -3.80 17.91
N GLU A 41 9.39 -3.89 18.45
CA GLU A 41 9.70 -3.19 19.70
C GLU A 41 9.79 -1.68 19.52
N ASP A 42 10.45 -1.22 18.46
CA ASP A 42 10.71 0.21 18.31
C ASP A 42 9.63 0.95 17.52
N ALA A 43 8.62 0.25 17.02
CA ALA A 43 7.59 0.85 16.20
C ALA A 43 6.25 0.85 16.91
N ASN A 44 5.40 1.81 16.53
CA ASN A 44 4.02 1.86 17.00
C ASN A 44 3.17 0.94 16.14
N PHE A 45 2.87 1.38 14.92
CA PHE A 45 2.09 0.61 13.96
C PHE A 45 3.01 -0.07 12.96
N THR A 46 2.71 -1.32 12.64
CA THR A 46 3.48 -2.11 11.68
C THR A 46 2.54 -2.64 10.62
N ALA A 47 2.79 -2.30 9.37
CA ALA A 47 1.90 -2.65 8.26
C ALA A 47 2.15 -4.07 7.78
N CYS A 48 1.87 -5.03 8.65
CA CYS A 48 2.14 -6.43 8.36
C CYS A 48 0.99 -7.30 8.86
N VAL A 49 0.85 -8.47 8.24
CA VAL A 49 -0.08 -9.50 8.66
C VAL A 49 0.71 -10.80 8.84
N SER A 50 0.09 -11.74 9.56
CA SER A 50 0.74 -13.02 9.80
C SER A 50 0.86 -13.80 8.48
N THR A 51 1.71 -14.82 8.51
CA THR A 51 1.95 -15.61 7.31
C THR A 51 0.68 -16.34 6.86
N GLU A 52 -0.01 -17.00 7.79
CA GLU A 52 -1.21 -17.74 7.42
C GLU A 52 -2.37 -16.82 7.10
N ASP A 53 -2.44 -15.65 7.75
CA ASP A 53 -3.49 -14.69 7.40
C ASP A 53 -3.24 -14.10 6.01
N TYR A 54 -1.97 -13.88 5.67
CA TYR A 54 -1.62 -13.49 4.30
C TYR A 54 -2.10 -14.52 3.30
N GLU A 55 -1.91 -15.80 3.61
CA GLU A 55 -2.31 -16.87 2.69
C GLU A 55 -3.82 -16.95 2.56
N ARG A 56 -4.54 -16.85 3.68
CA ARG A 56 -6.00 -16.90 3.62
C ARG A 56 -6.55 -15.69 2.85
N ILE A 57 -5.95 -14.53 3.04
CA ILE A 57 -6.32 -13.36 2.24
C ILE A 57 -6.04 -13.62 0.77
N LYS A 58 -4.96 -14.33 0.46
CA LYS A 58 -4.61 -14.55 -0.94
C LYS A 58 -5.68 -15.35 -1.66
N THR A 59 -6.04 -16.52 -1.11
CA THR A 59 -7.04 -17.37 -1.76
C THR A 59 -8.41 -16.69 -1.82
N TYR A 60 -8.75 -15.93 -0.78
CA TYR A 60 -9.99 -15.14 -0.82
C TYR A 60 -10.00 -14.23 -2.05
N LEU A 61 -8.92 -13.45 -2.22
CA LEU A 61 -8.85 -12.54 -3.35
C LEU A 61 -8.73 -13.30 -4.66
N MET A 62 -8.00 -14.42 -4.67
CA MET A 62 -7.87 -15.20 -5.89
C MET A 62 -9.22 -15.74 -6.34
N THR A 63 -10.09 -16.08 -5.39
CA THR A 63 -11.37 -16.69 -5.75
C THR A 63 -12.42 -15.64 -6.10
N GLU A 64 -12.58 -14.63 -5.24
CA GLU A 64 -13.59 -13.61 -5.46
C GLU A 64 -13.22 -12.64 -6.59
N MET A 65 -11.94 -12.59 -6.99
CA MET A 65 -11.50 -11.66 -8.04
C MET A 65 -10.82 -12.36 -9.20
N GLU A 66 -11.06 -13.67 -9.39
CA GLU A 66 -10.34 -14.42 -10.42
C GLU A 66 -10.56 -13.85 -11.82
N ASN A 67 -11.62 -13.08 -12.03
CA ASN A 67 -11.88 -12.44 -13.32
C ASN A 67 -11.07 -11.16 -13.51
N SER A 68 -10.41 -10.66 -12.48
CA SER A 68 -9.77 -9.36 -12.51
C SER A 68 -8.33 -9.46 -13.01
N SER A 69 -7.82 -8.31 -13.48
CA SER A 69 -6.44 -8.26 -13.95
C SER A 69 -5.47 -8.48 -12.80
N MET A 70 -4.45 -9.30 -13.05
CA MET A 70 -3.46 -9.63 -12.03
C MET A 70 -2.07 -9.43 -12.58
N THR A 71 -1.28 -8.62 -11.89
CA THR A 71 0.12 -8.39 -12.22
C THR A 71 1.01 -8.99 -11.15
N ARG A 72 2.30 -9.08 -11.45
CA ARG A 72 3.24 -9.72 -10.52
C ARG A 72 4.64 -9.25 -10.86
N SER A 73 5.31 -8.61 -9.90
CA SER A 73 6.64 -8.05 -10.11
C SER A 73 7.50 -8.25 -8.87
N VAL A 74 8.78 -8.46 -9.11
CA VAL A 74 9.80 -8.47 -8.06
C VAL A 74 10.68 -7.25 -8.28
N THR A 75 10.77 -6.39 -7.27
CA THR A 75 11.55 -5.17 -7.37
C THR A 75 12.48 -5.06 -6.17
N HIS A 76 13.42 -4.14 -6.27
CA HIS A 76 14.44 -3.90 -5.24
C HIS A 76 14.44 -2.40 -4.94
N ASP A 77 14.00 -2.05 -3.73
CA ASP A 77 13.87 -0.65 -3.33
C ASP A 77 15.07 -0.23 -2.51
N VAL A 78 15.50 1.02 -2.70
CA VAL A 78 16.59 1.61 -1.94
C VAL A 78 16.11 2.95 -1.41
N SER A 79 16.14 3.11 -0.10
CA SER A 79 15.84 4.39 0.54
C SER A 79 17.12 5.20 0.65
N LEU A 80 17.07 6.46 0.23
CA LEU A 80 18.27 7.30 0.19
C LEU A 80 17.85 8.76 0.30
N ARG A 81 18.22 9.40 1.41
CA ARG A 81 18.01 10.83 1.62
C ARG A 81 16.55 11.23 1.41
N GLY A 82 15.63 10.38 1.88
CA GLY A 82 14.22 10.65 1.76
C GLY A 82 13.58 10.24 0.45
N TRP A 83 14.38 9.81 -0.53
CA TRP A 83 13.86 9.34 -1.80
C TRP A 83 13.93 7.82 -1.87
N ARG A 84 13.07 7.24 -2.70
CA ARG A 84 12.98 5.80 -2.87
C ARG A 84 13.34 5.46 -4.31
N HIS A 85 14.45 4.75 -4.50
CA HIS A 85 14.87 4.30 -5.82
C HIS A 85 14.37 2.87 -6.01
N THR A 86 13.57 2.67 -7.06
CA THR A 86 13.04 1.35 -7.39
C THR A 86 13.88 0.75 -8.52
N TYR A 87 14.33 -0.48 -8.32
CA TYR A 87 15.16 -1.18 -9.30
C TYR A 87 14.45 -2.40 -9.84
N ALA A 88 14.64 -2.67 -11.12
CA ALA A 88 14.18 -3.93 -11.68
C ALA A 88 15.07 -5.07 -11.18
N THR A 89 14.59 -6.28 -11.39
CA THR A 89 15.15 -7.46 -10.76
C THR A 89 15.37 -8.55 -11.81
N ASP A 90 16.48 -9.28 -11.70
CA ASP A 90 16.76 -10.36 -12.62
C ASP A 90 16.22 -11.68 -12.07
N GLU A 91 16.50 -12.79 -12.75
CA GLU A 91 15.94 -14.07 -12.36
C GLU A 91 16.37 -14.47 -10.96
N ASN A 92 17.54 -14.02 -10.50
CA ASN A 92 18.04 -14.35 -9.17
C ASN A 92 17.50 -13.43 -8.09
N GLY A 93 16.73 -12.41 -8.43
CA GLY A 93 16.25 -11.47 -7.44
C GLY A 93 17.16 -10.28 -7.19
N ASN A 94 18.18 -10.07 -8.04
CA ASN A 94 19.21 -9.06 -7.88
C ASN A 94 18.91 -7.82 -8.71
N PRO A 95 19.33 -6.64 -8.26
CA PRO A 95 18.95 -5.40 -8.95
C PRO A 95 19.61 -5.27 -10.30
N THR A 96 18.88 -4.67 -11.24
CA THR A 96 19.40 -4.42 -12.58
C THR A 96 19.40 -2.91 -12.79
N ARG A 97 18.38 -2.37 -13.46
CA ARG A 97 18.32 -0.95 -13.76
C ARG A 97 17.30 -0.26 -12.88
N CYS A 98 17.55 1.01 -12.57
CA CYS A 98 16.62 1.81 -11.79
C CYS A 98 15.49 2.29 -12.68
N VAL A 99 14.25 2.02 -12.26
CA VAL A 99 13.09 2.28 -13.11
C VAL A 99 12.36 3.53 -12.69
N SER A 100 12.38 3.86 -11.39
CA SER A 100 11.67 5.02 -10.91
C SER A 100 12.32 5.54 -9.63
N ILE A 101 12.27 6.86 -9.45
CA ILE A 101 12.76 7.53 -8.25
C ILE A 101 11.64 8.46 -7.78
N VAL A 102 11.16 8.23 -6.56
CA VAL A 102 9.98 8.91 -6.05
C VAL A 102 10.24 9.38 -4.63
N ARG A 103 9.57 10.47 -4.25
CA ARG A 103 9.63 11.02 -2.91
C ARG A 103 8.23 11.03 -2.32
N LYS A 104 8.08 10.42 -1.14
CA LYS A 104 6.78 10.26 -0.50
C LYS A 104 6.63 11.29 0.62
N LYS A 105 5.58 12.09 0.53
CA LYS A 105 5.30 13.13 1.53
C LYS A 105 3.93 12.84 2.15
N ARG A 106 3.93 12.39 3.40
CA ARG A 106 2.68 12.10 4.10
C ARG A 106 1.86 13.37 4.27
N LEU A 107 0.61 13.34 3.78
CA LEU A 107 -0.28 14.48 3.87
C LEU A 107 -1.31 14.33 5.00
N PHE A 108 -1.94 13.17 5.10
CA PHE A 108 -2.97 12.93 6.10
C PHE A 108 -3.01 11.45 6.42
N VAL A 109 -3.07 11.13 7.72
CA VAL A 109 -3.09 9.74 8.19
C VAL A 109 -4.20 9.60 9.21
N LYS A 110 -4.95 8.49 9.11
CA LYS A 110 -6.08 8.22 9.99
C LYS A 110 -6.09 6.75 10.36
N ASN A 111 -6.35 6.47 11.64
CA ASN A 111 -6.54 5.10 12.11
C ASN A 111 -8.03 4.77 12.06
N ILE A 112 -8.36 3.66 11.41
CA ILE A 112 -9.75 3.23 11.27
C ILE A 112 -10.11 2.36 12.46
N VAL A 113 -11.25 2.66 13.09
CA VAL A 113 -11.75 1.82 14.18
C VAL A 113 -12.18 0.48 13.62
N VAL A 114 -11.78 -0.59 14.30
CA VAL A 114 -11.79 -1.93 13.74
C VAL A 114 -12.46 -2.88 14.73
N PRO A 115 -13.17 -3.91 14.27
CA PRO A 115 -13.75 -4.89 15.20
C PRO A 115 -12.68 -5.59 16.02
N LEU A 116 -13.05 -5.97 17.24
CA LEU A 116 -12.13 -6.71 18.11
C LEU A 116 -11.73 -8.04 17.45
N GLY A 117 -10.43 -8.28 17.40
CA GLY A 117 -9.92 -9.50 16.79
C GLY A 117 -9.53 -9.37 15.34
N ALA A 118 -9.76 -8.23 14.72
CA ALA A 118 -9.39 -8.00 13.34
C ALA A 118 -8.10 -7.19 13.27
N TYR A 119 -7.46 -7.23 12.10
CA TYR A 119 -6.27 -6.43 11.88
C TYR A 119 -6.62 -4.95 11.90
N ASN A 120 -5.69 -4.15 12.41
CA ASN A 120 -5.86 -2.71 12.37
C ASN A 120 -5.76 -2.21 10.94
N LEU A 121 -6.38 -1.06 10.68
CA LEU A 121 -6.40 -0.45 9.36
C LEU A 121 -5.89 0.98 9.46
N ARG A 122 -4.98 1.35 8.57
CA ARG A 122 -4.41 2.69 8.54
C ARG A 122 -4.70 3.31 7.18
N PHE A 123 -5.42 4.43 7.19
CA PHE A 123 -5.72 5.18 5.98
C PHE A 123 -4.71 6.32 5.85
N ALA A 124 -4.07 6.40 4.69
CA ALA A 124 -3.02 7.39 4.47
C ALA A 124 -3.20 8.05 3.12
N VAL A 125 -3.07 9.37 3.11
CA VAL A 125 -3.04 10.16 1.87
C VAL A 125 -1.71 10.88 1.82
N SER A 126 -1.01 10.73 0.70
CA SER A 126 0.33 11.29 0.57
C SER A 126 0.56 11.65 -0.90
N THR A 127 1.67 12.32 -1.15
CA THR A 127 2.14 12.58 -2.50
C THR A 127 3.40 11.78 -2.76
N GLU A 128 3.46 11.13 -3.92
CA GLU A 128 4.63 10.39 -4.37
C GLU A 128 5.11 11.07 -5.65
N THR A 129 6.05 12.01 -5.50
CA THR A 129 6.49 12.83 -6.61
C THR A 129 7.69 12.19 -7.30
N PRO A 130 7.62 11.91 -8.59
CA PRO A 130 8.80 11.37 -9.29
C PRO A 130 9.93 12.40 -9.33
N GLY A 131 11.15 11.89 -9.52
CA GLY A 131 12.32 12.72 -9.42
C GLY A 131 13.36 12.41 -10.48
N ASP A 132 14.40 13.25 -10.50
CA ASP A 132 15.52 13.16 -11.41
C ASP A 132 16.15 11.77 -11.36
N LEU A 133 16.08 11.04 -12.48
CA LEU A 133 16.57 9.66 -12.52
C LEU A 133 18.08 9.56 -12.54
N ARG A 134 18.81 10.67 -12.70
CA ARG A 134 20.26 10.62 -12.62
C ARG A 134 20.75 10.25 -11.23
N PHE A 135 19.92 10.41 -10.21
CA PHE A 135 20.32 10.04 -8.86
C PHE A 135 20.47 8.54 -8.68
N SER A 136 20.05 7.75 -9.67
CA SER A 136 20.33 6.32 -9.67
C SER A 136 21.82 6.02 -9.72
N GLY A 137 22.66 7.03 -9.97
CA GLY A 137 24.10 6.85 -9.92
C GLY A 137 24.60 6.42 -8.55
N ALA A 138 23.79 6.59 -7.50
CA ALA A 138 24.15 6.09 -6.19
C ALA A 138 24.13 4.56 -6.13
N GLY A 139 23.42 3.92 -7.06
CA GLY A 139 23.36 2.47 -7.10
C GLY A 139 22.33 1.90 -6.15
N PRO A 140 22.05 0.61 -6.29
CA PRO A 140 20.99 -0.02 -5.50
C PRO A 140 21.38 -0.41 -4.08
N ARG A 141 22.56 0.00 -3.59
CA ARG A 141 23.00 -0.36 -2.25
C ARG A 141 23.56 0.83 -1.50
N ALA A 142 23.13 2.04 -1.86
CA ALA A 142 23.54 3.24 -1.15
C ALA A 142 22.78 3.45 0.15
N GLY A 143 21.77 2.63 0.43
CA GLY A 143 21.02 2.74 1.66
C GLY A 143 20.32 1.43 1.96
N HIS A 144 19.40 1.49 2.93
CA HIS A 144 18.63 0.32 3.30
C HIS A 144 17.78 -0.15 2.13
N THR A 145 17.74 -1.47 1.92
CA THR A 145 17.10 -2.06 0.76
C THR A 145 15.97 -3.00 1.18
N ARG A 146 14.94 -3.07 0.34
CA ARG A 146 13.82 -4.00 0.52
C ARG A 146 13.57 -4.71 -0.79
N LEU A 147 13.57 -6.04 -0.75
CA LEU A 147 13.18 -6.86 -1.88
C LEU A 147 11.68 -7.15 -1.79
N LYS A 148 10.92 -6.72 -2.79
CA LYS A 148 9.46 -6.76 -2.75
C LYS A 148 8.93 -7.71 -3.80
N ASP A 149 8.24 -8.75 -3.36
CA ASP A 149 7.60 -9.74 -4.22
C ASP A 149 6.09 -9.46 -4.17
N ARG A 150 5.60 -8.69 -5.13
CA ARG A 150 4.26 -8.13 -5.08
C ARG A 150 3.32 -8.85 -6.04
N LEU A 151 2.12 -9.15 -5.56
CA LEU A 151 1.01 -9.59 -6.40
C LEU A 151 -0.07 -8.52 -6.33
N SER A 152 -0.37 -7.91 -7.47
CA SER A 152 -1.38 -6.86 -7.55
C SER A 152 -2.61 -7.40 -8.27
N ILE A 153 -3.78 -7.19 -7.68
CA ILE A 153 -5.05 -7.57 -8.29
C ILE A 153 -5.88 -6.30 -8.44
N THR A 154 -6.12 -5.88 -9.68
CA THR A 154 -6.85 -4.66 -9.97
C THR A 154 -8.31 -5.00 -10.23
N ASP A 155 -9.21 -4.32 -9.53
CA ASP A 155 -10.65 -4.53 -9.68
C ASP A 155 -11.31 -3.16 -9.71
N GLY A 156 -11.56 -2.65 -10.92
CA GLY A 156 -12.22 -1.36 -11.05
C GLY A 156 -11.29 -0.25 -10.59
N MET A 157 -11.74 0.49 -9.59
CA MET A 157 -10.97 1.61 -9.04
C MET A 157 -10.14 1.21 -7.83
N PHE A 158 -9.96 -0.09 -7.58
CA PHE A 158 -9.25 -0.57 -6.41
C PHE A 158 -8.19 -1.57 -6.82
N ARG A 159 -7.00 -1.43 -6.24
CA ARG A 159 -5.89 -2.34 -6.47
C ARG A 159 -5.46 -2.96 -5.15
N TYR A 160 -5.57 -4.28 -5.06
CA TYR A 160 -5.09 -5.01 -3.89
C TYR A 160 -3.62 -5.35 -4.10
N ASP A 161 -2.80 -5.03 -3.11
CA ASP A 161 -1.36 -5.30 -3.18
C ASP A 161 -0.98 -6.25 -2.05
N MET A 162 -0.50 -7.43 -2.42
CA MET A 162 0.00 -8.42 -1.48
C MET A 162 1.48 -8.62 -1.75
N THR A 163 2.30 -8.27 -0.76
CA THR A 163 3.74 -8.17 -0.97
C THR A 163 4.48 -8.95 0.10
N GLN A 164 5.41 -9.79 -0.34
CA GLN A 164 6.41 -10.40 0.53
C GLN A 164 7.66 -9.55 0.46
N VAL A 165 8.02 -8.92 1.57
CA VAL A 165 9.15 -8.00 1.63
C VAL A 165 10.26 -8.64 2.44
N THR A 166 11.39 -8.90 1.80
CA THR A 166 12.59 -9.39 2.48
C THR A 166 13.50 -8.21 2.76
N GLU A 167 13.76 -7.95 4.05
CA GLU A 167 14.51 -6.78 4.48
C GLU A 167 15.46 -7.20 5.59
N LYS A 168 16.76 -7.08 5.33
CA LYS A 168 17.79 -7.48 6.29
C LYS A 168 17.61 -8.93 6.73
N GLY A 169 17.26 -9.79 5.78
CA GLY A 169 17.14 -11.21 6.01
C GLY A 169 15.75 -11.70 6.38
N VAL A 170 14.94 -10.87 7.04
CA VAL A 170 13.63 -11.28 7.52
C VAL A 170 12.58 -10.97 6.45
N LEU A 171 11.62 -11.87 6.30
CA LEU A 171 10.58 -11.76 5.29
C LEU A 171 9.26 -11.41 5.98
N MET A 172 8.67 -10.29 5.57
CA MET A 172 7.39 -9.82 6.11
C MET A 172 6.32 -9.87 5.03
N HIS A 173 5.07 -9.88 5.48
CA HIS A 173 3.91 -9.95 4.58
C HIS A 173 3.06 -8.70 4.76
N GLU A 174 2.72 -8.06 3.65
CA GLU A 174 1.98 -6.80 3.67
C GLU A 174 0.76 -6.90 2.77
N VAL A 175 -0.35 -6.31 3.22
CA VAL A 175 -1.59 -6.27 2.46
C VAL A 175 -2.12 -4.84 2.50
N GLU A 176 -2.44 -4.29 1.33
CA GLU A 176 -2.98 -2.94 1.25
C GLU A 176 -3.85 -2.81 0.01
N ILE A 177 -4.71 -1.80 0.03
CA ILE A 177 -5.57 -1.47 -1.11
C ILE A 177 -5.27 -0.04 -1.53
N GLU A 178 -5.11 0.17 -2.83
CA GLU A 178 -4.86 1.48 -3.40
C GLU A 178 -6.00 1.91 -4.31
N GLY A 179 -6.10 3.21 -4.54
CA GLY A 179 -7.01 3.74 -5.53
C GLY A 179 -6.37 3.78 -6.91
N VAL A 180 -7.12 3.35 -7.91
CA VAL A 180 -6.70 3.39 -9.30
C VAL A 180 -7.59 4.41 -10.00
N PHE A 181 -7.04 5.59 -10.24
CA PHE A 181 -7.80 6.70 -10.79
C PHE A 181 -7.15 7.21 -12.07
N SER A 182 -7.99 7.62 -13.02
CA SER A 182 -7.50 8.44 -14.13
C SER A 182 -7.34 9.89 -13.69
N SER A 183 -8.23 10.37 -12.83
CA SER A 183 -8.12 11.69 -12.21
C SER A 183 -8.68 11.56 -10.80
N HIS A 184 -7.78 11.40 -9.81
CA HIS A 184 -8.22 11.24 -8.42
C HIS A 184 -9.03 12.44 -7.96
N GLU A 185 -8.67 13.63 -8.44
CA GLU A 185 -9.39 14.85 -8.07
C GLU A 185 -10.87 14.75 -8.40
N LYS A 186 -11.22 14.01 -9.44
CA LYS A 186 -12.62 13.89 -9.88
C LYS A 186 -13.26 12.57 -9.50
N GLN A 187 -12.48 11.51 -9.22
CA GLN A 187 -13.03 10.19 -8.99
C GLN A 187 -12.98 9.74 -7.53
N LEU A 188 -12.05 10.25 -6.73
CA LEU A 188 -12.03 9.89 -5.30
C LEU A 188 -13.13 10.68 -4.62
N THR A 189 -14.24 9.99 -4.35
CA THR A 189 -15.41 10.60 -3.74
C THR A 189 -15.69 9.93 -2.40
N GLU A 190 -16.71 10.45 -1.72
CA GLU A 190 -17.19 9.80 -0.50
C GLU A 190 -17.56 8.35 -0.75
N SER A 191 -18.39 8.12 -1.78
CA SER A 191 -18.85 6.77 -2.07
C SER A 191 -17.69 5.86 -2.45
N TRP A 192 -16.60 6.41 -2.98
CA TRP A 192 -15.41 5.60 -3.18
C TRP A 192 -14.73 5.27 -1.85
N LEU A 193 -14.65 6.26 -0.96
CA LEU A 193 -14.05 6.03 0.36
C LEU A 193 -14.88 5.05 1.18
N GLU A 194 -16.21 5.11 1.03
CA GLU A 194 -17.07 4.18 1.73
C GLU A 194 -16.84 2.75 1.25
N GLU A 195 -16.63 2.58 -0.07
CA GLU A 195 -16.35 1.24 -0.57
C GLU A 195 -14.97 0.77 -0.15
N LEU A 196 -13.98 1.67 -0.17
CA LEU A 196 -12.63 1.30 0.29
C LEU A 196 -12.68 0.73 1.70
N LEU A 197 -13.46 1.33 2.59
CA LEU A 197 -13.63 0.80 3.93
C LEU A 197 -14.29 -0.56 3.91
N ARG A 198 -15.33 -0.72 3.08
CA ARG A 198 -16.02 -2.00 2.97
C ARG A 198 -15.05 -3.12 2.59
N ARG A 199 -14.23 -2.87 1.57
CA ARG A 199 -13.34 -3.92 1.07
C ARG A 199 -12.16 -4.14 2.01
N ALA A 200 -11.66 -3.06 2.63
CA ALA A 200 -10.57 -3.22 3.60
C ALA A 200 -11.05 -3.94 4.86
N MET A 201 -12.24 -3.58 5.35
CA MET A 201 -12.79 -4.25 6.52
C MET A 201 -13.00 -5.74 6.26
N ARG A 202 -13.32 -6.12 5.02
CA ARG A 202 -13.50 -7.53 4.70
C ARG A 202 -12.20 -8.30 4.86
N LEU A 203 -11.10 -7.74 4.38
CA LEU A 203 -9.80 -8.42 4.51
C LEU A 203 -9.36 -8.46 5.97
N ALA A 204 -9.61 -7.38 6.72
CA ALA A 204 -9.14 -7.31 8.10
C ALA A 204 -9.86 -8.28 9.02
N THR A 205 -11.08 -8.70 8.66
CA THR A 205 -11.91 -9.53 9.54
C THR A 205 -12.01 -10.97 9.03
N LEU A 206 -11.03 -11.45 8.27
CA LEU A 206 -11.12 -12.77 7.68
C LEU A 206 -10.78 -13.87 8.67
N ARG A 207 -11.39 -13.83 9.85
CA ARG A 207 -11.14 -14.84 10.89
C ARG A 207 -12.19 -14.74 12.00
#